data_7NBV
#
_entry.id   7NBV
#
_cell.length_a   73.788
_cell.length_b   73.788
_cell.length_c   73.788
_cell.angle_alpha   90.000
_cell.angle_beta   90.000
_cell.angle_gamma   90.000
#
_symmetry.space_group_name_H-M   'P 21 3'
#
loop_
_entity.id
_entity.type
_entity.pdbx_description
1 polymer 'Capsid protein VP0'
2 non-polymer 'BROMIDE ION'
3 water water
#
_entity_poly.entity_id   1
_entity_poly.type   'polypeptide(L)'
_entity_poly.pdbx_seq_one_letter_code
;GPLGSNPASLYRIDLFITFTDELITFDYKVHGRPVLTFRIPGFGLTPAGRMLVCMGEKPAHSPFTSSKSLYHVIFTSTCN
SFSFTIYKGRYRSWKKPIHDELVDRGYTTFREFFKAVRGYHADYYKQRLIHDVEMNPG
;
_entity_poly.pdbx_strand_id   A
#
# COMPACT_ATOMS: atom_id res chain seq x y z
N GLY A 1 15.76 22.22 8.75
CA GLY A 1 15.68 21.47 7.51
C GLY A 1 14.99 22.25 6.42
N PRO A 2 14.59 21.58 5.34
CA PRO A 2 13.86 22.26 4.28
C PRO A 2 12.57 22.86 4.82
N LEU A 3 12.23 24.06 4.32
CA LEU A 3 11.01 24.74 4.76
C LEU A 3 9.75 24.15 4.12
N GLY A 4 9.90 23.38 3.05
CA GLY A 4 8.77 22.65 2.47
C GLY A 4 9.17 22.03 1.16
N SER A 5 8.28 21.20 0.65
CA SER A 5 8.36 20.66 -0.70
C SER A 5 7.19 21.17 -1.53
N ASN A 6 7.48 21.52 -2.78
CA ASN A 6 6.52 22.22 -3.65
C ASN A 6 6.47 21.54 -5.02
N PRO A 7 6.18 20.24 -5.06
CA PRO A 7 6.05 19.58 -6.37
C PRO A 7 4.97 20.25 -7.20
N ALA A 8 5.28 20.44 -8.48
CA ALA A 8 4.38 21.16 -9.38
C ALA A 8 3.10 20.38 -9.64
N SER A 9 3.19 19.05 -9.61
CA SER A 9 2.01 18.21 -9.58
C SER A 9 2.31 17.06 -8.63
N LEU A 10 1.28 16.64 -7.89
CA LEU A 10 1.45 15.54 -6.96
C LEU A 10 0.13 14.80 -6.88
N TYR A 11 0.16 13.52 -7.23
CA TYR A 11 -0.92 12.59 -6.93
C TYR A 11 -0.47 11.66 -5.82
N ARG A 12 -1.38 11.38 -4.89
CA ARG A 12 -1.01 10.49 -3.79
C ARG A 12 -2.17 9.58 -3.42
N ILE A 13 -1.83 8.33 -3.10
CA ILE A 13 -2.75 7.40 -2.47
C ILE A 13 -2.05 6.78 -1.27
N ASP A 14 -2.74 6.69 -0.15
CA ASP A 14 -2.25 5.96 1.01
C ASP A 14 -3.04 4.66 1.10
N LEU A 15 -2.34 3.54 0.99
CA LEU A 15 -2.95 2.23 1.10
C LEU A 15 -2.63 1.66 2.47
N PHE A 16 -3.66 1.46 3.29
CA PHE A 16 -3.51 0.83 4.60
C PHE A 16 -3.89 -0.63 4.47
N ILE A 17 -2.96 -1.52 4.78
CA ILE A 17 -3.20 -2.96 4.78
C ILE A 17 -3.24 -3.42 6.23
N THR A 18 -4.38 -3.95 6.65
CA THR A 18 -4.57 -4.49 8.00
C THR A 18 -4.55 -6.02 7.95
N PHE A 19 -3.59 -6.61 8.67
CA PHE A 19 -3.46 -8.06 8.74
C PHE A 19 -4.11 -8.59 10.02
N THR A 20 -5.03 -9.52 9.87
CA THR A 20 -5.57 -10.33 10.95
C THR A 20 -5.63 -11.76 10.43
N ASP A 21 -5.75 -12.71 11.34
CA ASP A 21 -5.86 -14.09 10.92
C ASP A 21 -7.13 -14.34 10.11
N GLU A 22 -8.23 -13.68 10.47
CA GLU A 22 -9.49 -13.94 9.78
C GLU A 22 -9.59 -13.22 8.43
N LEU A 23 -9.15 -11.95 8.36
CA LEU A 23 -9.22 -11.11 7.17
C LEU A 23 -7.98 -10.24 7.02
N ILE A 24 -7.60 -9.99 5.77
CA ILE A 24 -6.65 -8.93 5.40
C ILE A 24 -7.41 -7.87 4.63
N THR A 25 -7.32 -6.62 5.10
CA THR A 25 -8.07 -5.51 4.54
C THR A 25 -7.15 -4.54 3.83
N PHE A 26 -7.55 -4.10 2.63
CA PHE A 26 -6.82 -3.11 1.83
C PHE A 26 -7.68 -1.85 1.72
N ASP A 27 -7.23 -0.74 2.33
CA ASP A 27 -7.92 0.55 2.28
C ASP A 27 -7.11 1.57 1.50
N TYR A 28 -7.58 1.93 0.31
CA TYR A 28 -6.95 3.00 -0.47
C TYR A 28 -7.60 4.33 -0.08
N LYS A 29 -6.82 5.26 0.46
CA LYS A 29 -7.35 6.52 0.97
C LYS A 29 -6.79 7.73 0.23
N VAL A 30 -7.66 8.73 0.07
CA VAL A 30 -7.26 10.05 -0.39
C VAL A 30 -7.95 11.08 0.52
N HIS A 31 -7.18 12.07 0.97
CA HIS A 31 -7.71 13.09 1.88
C HIS A 31 -8.46 12.48 3.07
N GLY A 32 -7.90 11.39 3.60
CA GLY A 32 -8.43 10.75 4.79
C GLY A 32 -9.66 9.90 4.64
N ARG A 33 -10.13 9.64 3.42
CA ARG A 33 -11.30 8.81 3.20
C ARG A 33 -10.96 7.66 2.27
N PRO A 34 -11.51 6.48 2.51
CA PRO A 34 -11.33 5.37 1.56
C PRO A 34 -12.01 5.64 0.22
N VAL A 35 -11.23 5.52 -0.85
CA VAL A 35 -11.77 5.56 -2.20
C VAL A 35 -11.97 4.15 -2.77
N LEU A 36 -11.29 3.15 -2.23
CA LEU A 36 -11.49 1.76 -2.59
C LEU A 36 -11.13 0.92 -1.37
N THR A 37 -12.01 0.01 -0.98
CA THR A 37 -11.68 -0.96 0.06
C THR A 37 -12.04 -2.36 -0.42
N PHE A 38 -11.16 -3.32 -0.17
CA PHE A 38 -11.49 -4.72 -0.37
C PHE A 38 -10.79 -5.57 0.67
N ARG A 39 -11.31 -6.78 0.85
CA ARG A 39 -10.86 -7.71 1.88
CA ARG A 39 -10.81 -7.70 1.87
C ARG A 39 -10.70 -9.10 1.29
N ILE A 40 -9.68 -9.82 1.75
CA ILE A 40 -9.45 -11.22 1.41
C ILE A 40 -9.44 -12.04 2.69
N PRO A 41 -9.80 -13.33 2.63
CA PRO A 41 -9.57 -14.22 3.78
C PRO A 41 -8.13 -14.17 4.28
N GLY A 42 -7.98 -14.00 5.58
CA GLY A 42 -6.66 -13.91 6.18
C GLY A 42 -5.94 -15.24 6.28
N PHE A 43 -4.62 -15.15 6.47
CA PHE A 43 -3.73 -16.29 6.66
C PHE A 43 -2.54 -15.81 7.48
N GLY A 44 -1.85 -16.75 8.13
CA GLY A 44 -0.66 -16.40 8.87
C GLY A 44 0.51 -16.02 7.96
N LEU A 45 1.29 -15.03 8.41
CA LEU A 45 2.43 -14.53 7.66
C LEU A 45 3.57 -14.18 8.61
N THR A 46 4.79 -14.37 8.14
CA THR A 46 5.96 -13.81 8.81
C THR A 46 6.05 -12.31 8.53
N PRO A 47 6.92 -11.58 9.24
CA PRO A 47 7.16 -10.18 8.86
C PRO A 47 7.57 -10.02 7.41
N ALA A 48 8.45 -10.88 6.90
CA ALA A 48 8.79 -10.81 5.48
C ALA A 48 7.56 -11.11 4.62
N GLY A 49 6.74 -12.06 5.05
CA GLY A 49 5.50 -12.32 4.35
C GLY A 49 4.58 -11.11 4.24
N ARG A 50 4.42 -10.36 5.33
CA ARG A 50 3.62 -9.14 5.30
C ARG A 50 4.19 -8.12 4.33
N MET A 51 5.50 -7.90 4.36
CA MET A 51 6.12 -6.99 3.41
C MET A 51 5.87 -7.43 1.98
N LEU A 52 5.98 -8.73 1.71
CA LEU A 52 5.72 -9.23 0.36
C LEU A 52 4.28 -8.98 -0.08
N VAL A 53 3.31 -9.15 0.83
CA VAL A 53 1.93 -8.76 0.52
C VAL A 53 1.85 -7.26 0.22
N CYS A 54 2.56 -6.44 0.99
CA CYS A 54 2.55 -5.01 0.73
C CYS A 54 3.14 -4.68 -0.63
N MET A 55 4.19 -5.39 -1.04
CA MET A 55 4.75 -5.27 -2.38
C MET A 55 3.85 -5.85 -3.46
N GLY A 56 2.81 -6.61 -3.10
CA GLY A 56 1.97 -7.26 -4.06
C GLY A 56 2.46 -8.63 -4.50
N GLU A 57 3.50 -9.17 -3.88
CA GLU A 57 3.99 -10.52 -4.12
C GLU A 57 3.13 -11.54 -3.37
N LYS A 58 3.26 -12.82 -3.79
CA LYS A 58 2.64 -13.94 -3.10
C LYS A 58 3.62 -14.59 -2.13
N PRO A 59 3.52 -14.34 -0.84
CA PRO A 59 4.37 -15.03 0.14
C PRO A 59 3.86 -16.41 0.50
N ALA A 60 4.75 -17.20 1.11
CA ALA A 60 4.35 -18.43 1.81
C ALA A 60 3.43 -18.12 3.00
N HIS A 61 2.44 -18.98 3.19
CA HIS A 61 1.54 -18.88 4.34
C HIS A 61 2.12 -19.59 5.57
N SER A 62 1.77 -19.06 6.74
CA SER A 62 2.13 -19.67 8.01
C SER A 62 0.89 -20.17 8.73
N PRO A 63 0.97 -21.30 9.43
CA PRO A 63 -0.18 -21.74 10.25
C PRO A 63 -0.35 -20.94 11.53
N PHE A 64 0.67 -20.20 11.96
CA PHE A 64 0.60 -19.53 13.25
C PHE A 64 -0.33 -18.32 13.21
N THR A 65 -1.10 -18.13 14.28
CA THR A 65 -1.91 -16.93 14.45
C THR A 65 -1.06 -15.76 14.93
N SER A 66 -1.60 -14.56 14.77
CA SER A 66 -0.94 -13.36 15.23
C SER A 66 -2.00 -12.33 15.57
N SER A 67 -1.58 -11.31 16.34
N SER A 67 -1.56 -11.24 16.17
CA SER A 67 -2.40 -10.11 16.59
CA SER A 67 -2.51 -10.19 16.47
C SER A 67 -2.47 -9.19 15.37
C SER A 67 -2.49 -9.17 15.35
N LYS A 68 -3.48 -8.31 15.39
CA LYS A 68 -3.67 -7.32 14.33
C LYS A 68 -2.41 -6.51 14.14
N SER A 69 -2.06 -6.24 12.88
N SER A 69 -2.11 -6.17 12.89
CA SER A 69 -0.97 -5.34 12.56
CA SER A 69 -0.96 -5.35 12.53
C SER A 69 -1.33 -4.49 11.35
C SER A 69 -1.36 -4.48 11.34
N LEU A 70 -0.89 -3.24 11.36
CA LEU A 70 -1.16 -2.29 10.29
C LEU A 70 0.13 -2.01 9.54
N TYR A 71 0.07 -2.06 8.21
CA TYR A 71 1.14 -1.59 7.34
C TYR A 71 0.60 -0.44 6.50
N HIS A 72 1.44 0.56 6.28
CA HIS A 72 1.07 1.78 5.59
C HIS A 72 1.91 1.89 4.32
N VAL A 73 1.24 1.79 3.16
CA VAL A 73 1.87 1.85 1.86
C VAL A 73 1.51 3.20 1.25
N ILE A 74 2.51 3.94 0.79
CA ILE A 74 2.29 5.27 0.23
C ILE A 74 2.73 5.25 -1.23
N PHE A 75 1.80 5.60 -2.12
CA PHE A 75 2.07 5.84 -3.54
C PHE A 75 2.00 7.35 -3.77
N THR A 76 3.05 7.93 -4.35
CA THR A 76 2.98 9.29 -4.85
C THR A 76 3.57 9.36 -6.24
N SER A 77 3.07 10.32 -7.03
CA SER A 77 3.63 10.57 -8.35
C SER A 77 3.63 12.06 -8.69
N THR A 78 4.72 12.49 -9.29
CA THR A 78 4.77 13.72 -10.08
C THR A 78 4.57 13.34 -11.55
N CYS A 79 4.69 14.32 -12.45
N CYS A 79 4.76 14.31 -12.44
CA CYS A 79 4.65 14.02 -13.87
CA CYS A 79 4.67 13.99 -13.86
C CYS A 79 5.84 13.18 -14.35
C CYS A 79 5.81 13.09 -14.30
N ASN A 80 6.93 13.13 -13.58
CA ASN A 80 8.13 12.43 -14.02
C ASN A 80 8.72 11.47 -13.00
N SER A 81 8.07 11.23 -11.85
CA SER A 81 8.57 10.30 -10.85
C SER A 81 7.41 9.63 -10.14
N PHE A 82 7.62 8.38 -9.72
CA PHE A 82 6.63 7.61 -8.98
C PHE A 82 7.32 6.91 -7.82
N SER A 83 6.81 7.08 -6.60
CA SER A 83 7.43 6.51 -5.41
C SER A 83 6.52 5.44 -4.80
N PHE A 84 7.14 4.38 -4.31
CA PHE A 84 6.45 3.28 -3.66
C PHE A 84 7.18 2.99 -2.36
N THR A 85 6.50 3.21 -1.23
CA THR A 85 7.15 3.20 0.08
C THR A 85 6.26 2.46 1.06
N ILE A 86 6.86 1.58 1.87
CA ILE A 86 6.14 0.71 2.80
C ILE A 86 6.66 0.93 4.21
N TYR A 87 5.74 1.16 5.15
CA TYR A 87 6.03 1.27 6.57
C TYR A 87 5.35 0.13 7.33
N LYS A 88 6.06 -0.44 8.31
CA LYS A 88 5.40 -1.20 9.37
C LYS A 88 4.77 -0.20 10.35
N GLY A 89 3.47 -0.33 10.60
CA GLY A 89 2.73 0.70 11.29
C GLY A 89 2.55 1.93 10.41
N ARG A 90 2.11 3.02 11.03
CA ARG A 90 1.81 4.24 10.29
C ARG A 90 3.06 5.01 9.89
N TYR A 91 2.92 5.80 8.82
CA TYR A 91 3.98 6.74 8.46
C TYR A 91 4.27 7.68 9.62
N ARG A 92 5.56 7.94 9.80
CA ARG A 92 6.07 9.04 10.61
C ARG A 92 7.28 9.59 9.88
N SER A 93 7.53 10.89 9.98
CA SER A 93 8.69 11.47 9.32
C SER A 93 10.01 10.90 9.86
N TRP A 94 10.04 10.55 11.15
CA TRP A 94 11.25 10.03 11.77
C TRP A 94 11.46 8.54 11.54
N LYS A 95 10.54 7.87 10.86
CA LYS A 95 10.52 6.42 10.79
C LYS A 95 11.14 5.96 9.47
N LYS A 96 12.02 4.99 9.54
CA LYS A 96 12.61 4.43 8.32
C LYS A 96 11.64 3.44 7.68
N PRO A 97 11.31 3.60 6.41
CA PRO A 97 10.47 2.60 5.73
C PRO A 97 11.21 1.27 5.61
N ILE A 98 10.43 0.18 5.61
CA ILE A 98 10.99 -1.14 5.38
C ILE A 98 11.22 -1.43 3.91
N HIS A 99 10.53 -0.73 3.01
CA HIS A 99 10.82 -0.78 1.59
C HIS A 99 10.60 0.60 1.00
N ASP A 100 11.49 1.03 0.12
CA ASP A 100 11.32 2.32 -0.55
C ASP A 100 11.85 2.22 -1.99
N GLU A 101 11.02 2.63 -2.94
CA GLU A 101 11.27 2.39 -4.35
C GLU A 101 10.90 3.65 -5.13
N LEU A 102 11.73 4.01 -6.10
CA LEU A 102 11.48 5.18 -6.95
C LEU A 102 11.51 4.76 -8.41
N VAL A 103 10.41 5.02 -9.13
CA VAL A 103 10.25 4.65 -10.53
C VAL A 103 10.36 5.92 -11.38
N ASP A 104 11.16 5.85 -12.45
CA ASP A 104 11.43 7.03 -13.28
C ASP A 104 10.25 7.43 -14.17
N ARG A 105 9.17 6.65 -14.14
CA ARG A 105 7.88 6.97 -14.72
C ARG A 105 7.15 7.98 -13.86
N GLY A 106 6.38 8.86 -14.52
CA GLY A 106 5.36 9.65 -13.84
C GLY A 106 4.01 9.54 -14.52
N TYR A 107 3.05 10.30 -13.98
CA TYR A 107 1.67 10.25 -14.46
C TYR A 107 1.10 11.66 -14.59
N THR A 108 0.43 11.93 -15.70
CA THR A 108 -0.16 13.25 -15.92
C THR A 108 -1.63 13.35 -15.47
N THR A 109 -2.34 12.23 -15.33
CA THR A 109 -3.70 12.27 -14.82
C THR A 109 -3.84 11.36 -13.62
N PHE A 110 -4.73 11.76 -12.70
CA PHE A 110 -4.97 10.94 -11.51
C PHE A 110 -5.53 9.57 -11.87
N ARG A 111 -6.43 9.51 -12.87
CA ARG A 111 -7.02 8.23 -13.23
C ARG A 111 -5.96 7.21 -13.66
N GLU A 112 -4.99 7.65 -14.47
N GLU A 112 -4.97 7.64 -14.44
CA GLU A 112 -3.88 6.76 -14.87
CA GLU A 112 -3.91 6.71 -14.84
C GLU A 112 -3.01 6.38 -13.67
C GLU A 112 -3.00 6.36 -13.66
N PHE A 113 -2.73 7.34 -12.80
CA PHE A 113 -1.99 7.06 -11.57
C PHE A 113 -2.70 6.01 -10.70
N PHE A 114 -4.00 6.20 -10.46
CA PHE A 114 -4.76 5.26 -9.65
C PHE A 114 -4.81 3.87 -10.29
N LYS A 115 -5.00 3.80 -11.61
CA LYS A 115 -4.93 2.52 -12.30
C LYS A 115 -3.59 1.83 -12.06
N ALA A 116 -2.49 2.57 -12.19
CA ALA A 116 -1.17 2.01 -11.92
C ALA A 116 -1.02 1.53 -10.49
N VAL A 117 -1.51 2.32 -9.52
CA VAL A 117 -1.48 1.92 -8.12
C VAL A 117 -2.22 0.60 -7.90
N ARG A 118 -3.45 0.50 -8.42
CA ARG A 118 -4.24 -0.72 -8.24
C ARG A 118 -3.53 -1.96 -8.78
N GLY A 119 -2.82 -1.83 -9.89
CA GLY A 119 -2.14 -2.99 -10.49
C GLY A 119 -1.19 -3.72 -9.57
N TYR A 120 -0.61 -3.03 -8.58
CA TYR A 120 0.28 -3.69 -7.63
C TYR A 120 -0.42 -4.83 -6.89
N HIS A 121 -1.68 -4.66 -6.53
CA HIS A 121 -2.39 -5.70 -5.77
C HIS A 121 -3.52 -6.34 -6.55
N ALA A 122 -3.48 -6.28 -7.88
CA ALA A 122 -4.58 -6.78 -8.71
C ALA A 122 -4.86 -8.26 -8.44
N ASP A 123 -3.84 -9.06 -8.18
CA ASP A 123 -4.09 -10.48 -7.89
C ASP A 123 -4.76 -10.69 -6.54
N TYR A 124 -4.51 -9.82 -5.56
CA TYR A 124 -5.30 -9.88 -4.33
C TYR A 124 -6.72 -9.37 -4.56
N TYR A 125 -6.89 -8.38 -5.42
CA TYR A 125 -8.23 -7.88 -5.71
C TYR A 125 -9.10 -8.96 -6.33
N LYS A 126 -8.51 -9.86 -7.12
CA LYS A 126 -9.23 -11.03 -7.62
C LYS A 126 -9.70 -11.96 -6.50
N GLN A 127 -9.03 -11.97 -5.36
CA GLN A 127 -9.40 -12.84 -4.24
C GLN A 127 -10.39 -12.22 -3.27
N ARG A 128 -10.91 -11.03 -3.55
CA ARG A 128 -11.73 -10.30 -2.60
C ARG A 128 -13.01 -11.06 -2.23
N LEU A 129 -13.53 -10.80 -1.02
CA LEU A 129 -14.73 -11.48 -0.53
C LEU A 129 -15.99 -11.16 -1.33
N ILE A 130 -16.23 -9.89 -1.62
CA ILE A 130 -17.47 -9.46 -2.28
C ILE A 130 -17.20 -9.38 -3.77
N HIS A 131 -17.60 -10.41 -4.50
CA HIS A 131 -17.20 -10.61 -5.88
C HIS A 131 -18.38 -11.14 -6.70
#